data_7O2M
#
_entry.id   7O2M
#
_cell.length_a   42.274
_cell.length_b   42.274
_cell.length_c   216.109
_cell.angle_alpha   90.000
_cell.angle_beta   90.000
_cell.angle_gamma   90.000
#
_symmetry.space_group_name_H-M   'P 43 2 2'
#
loop_
_entity.id
_entity.type
_entity.pdbx_description
1 polymer 'Genome polyprotein'
2 polymer 'Genome polyprotein'
3 non-polymer 1-[(3~{S},6~{S},9~{S},19~{R})-3,6-bis(4-azanylbutyl)-2,5,8,12,15,18-hexakis(oxidanylidene)-9-(phenylmethyl)-1,4,7,11,14,17-hexazacyclotricos-19-yl]guanidine
4 water water
#
loop_
_entity_poly.entity_id
_entity_poly.type
_entity_poly.pdbx_seq_one_letter_code
_entity_poly.pdbx_strand_id
1 'polypeptide(L)' MTGKSVDMYIERAGDITWEKDAEVTGNSPRLDVALDESGDFSLVEEDGPPMRE A
2 'polypeptide(L)'
;GSGALWDVPAPKEVKKGETTDGVYRVMTRRLLGSTQVGVGVMQEGVFHTMWHVTKGAALRSGEGRLDPYWGDVKQDLVSY
CGPWKLDAAWDGLSEVQLLAVPPGERAKNIQTLPGIFKTKDGDIGAVALDYPAGTSGSPILDKCGRVIGLYGNGVVIKNG
SYVSAITQGKREEETPVE
;
B
#
# COMPACT_ATOMS: atom_id res chain seq x y z
N ASP A 7 7.16 -19.62 3.20
CA ASP A 7 7.92 -19.07 2.09
C ASP A 7 6.98 -18.33 1.15
N MET A 8 7.19 -17.03 1.00
CA MET A 8 6.27 -16.15 0.28
C MET A 8 6.71 -15.94 -1.16
N TYR A 9 5.73 -15.67 -2.03
CA TYR A 9 6.01 -15.53 -3.44
C TYR A 9 5.09 -14.49 -4.01
N ILE A 10 5.47 -13.93 -5.15
CA ILE A 10 4.74 -12.82 -5.73
C ILE A 10 4.24 -13.22 -7.10
N GLU A 11 3.09 -12.66 -7.47
CA GLU A 11 2.39 -12.96 -8.70
C GLU A 11 1.90 -11.65 -9.28
N ARG A 12 2.21 -11.39 -10.55
CA ARG A 12 1.81 -10.14 -11.19
C ARG A 12 0.30 -10.01 -11.26
N ALA A 13 -0.20 -8.80 -10.96
CA ALA A 13 -1.64 -8.57 -10.96
C ALA A 13 -2.09 -7.43 -11.87
N GLY A 14 -1.20 -6.61 -12.37
CA GLY A 14 -1.64 -5.59 -13.31
C GLY A 14 -0.58 -4.55 -13.56
N ASP A 15 -0.91 -3.67 -14.51
CA ASP A 15 -0.16 -2.46 -14.72
C ASP A 15 -0.55 -1.45 -13.64
N ILE A 16 0.30 -0.46 -13.44
CA ILE A 16 0.04 0.62 -12.51
C ILE A 16 -0.33 1.83 -13.38
N THR A 17 -1.63 2.10 -13.49
CA THR A 17 -2.10 3.11 -14.41
C THR A 17 -3.37 3.73 -13.89
N TRP A 18 -3.55 5.01 -14.18
CA TRP A 18 -4.79 5.68 -13.85
C TRP A 18 -5.89 5.16 -14.76
N GLU A 19 -7.09 4.99 -14.21
CA GLU A 19 -8.24 4.51 -15.00
C GLU A 19 -9.25 5.66 -15.15
N LYS A 20 -9.56 5.98 -16.40
CA LYS A 20 -10.44 7.12 -16.68
C LYS A 20 -11.88 6.83 -16.25
N ASP A 21 -12.34 5.60 -16.40
CA ASP A 21 -13.73 5.29 -16.08
C ASP A 21 -13.95 4.95 -14.62
N ALA A 22 -12.96 5.16 -13.76
CA ALA A 22 -13.00 4.56 -12.43
C ALA A 22 -14.20 5.05 -11.63
N GLU A 23 -14.74 4.15 -10.82
CA GLU A 23 -15.73 4.54 -9.84
C GLU A 23 -15.08 5.42 -8.78
N VAL A 24 -15.87 6.35 -8.26
CA VAL A 24 -15.44 7.33 -7.27
C VAL A 24 -16.23 7.05 -6.00
N THR A 25 -15.52 6.81 -4.88
CA THR A 25 -16.23 6.63 -3.61
C THR A 25 -15.26 6.92 -2.46
N GLY A 26 -15.78 6.88 -1.25
CA GLY A 26 -14.98 7.15 -0.06
C GLY A 26 -15.08 8.58 0.41
N ASN A 27 -15.01 8.76 1.74
CA ASN A 27 -15.05 10.06 2.39
C ASN A 27 -13.65 10.63 2.52
N SER A 28 -13.54 11.85 3.07
N SER A 28 -13.54 11.85 3.06
CA SER A 28 -12.28 12.57 3.19
CA SER A 28 -12.26 12.54 3.20
C SER A 28 -12.12 13.06 4.63
C SER A 28 -12.11 13.06 4.63
N PRO A 29 -12.09 12.15 5.60
CA PRO A 29 -12.06 12.57 7.00
C PRO A 29 -10.73 13.21 7.36
N ARG A 30 -10.80 14.16 8.28
CA ARG A 30 -9.64 14.84 8.83
C ARG A 30 -9.56 14.44 10.30
N LEU A 31 -8.52 13.66 10.65
CA LEU A 31 -8.39 12.92 11.90
C LEU A 31 -7.07 13.25 12.57
N ASP A 32 -7.11 13.41 13.89
CA ASP A 32 -5.91 13.51 14.69
C ASP A 32 -5.47 12.10 15.05
N VAL A 33 -4.26 11.72 14.66
CA VAL A 33 -3.76 10.39 14.94
C VAL A 33 -2.36 10.46 15.55
N ALA A 34 -1.97 9.36 16.19
CA ALA A 34 -0.63 9.19 16.69
C ALA A 34 -0.06 7.90 16.11
N LEU A 35 1.22 7.92 15.77
CA LEU A 35 1.94 6.76 15.25
C LEU A 35 2.97 6.34 16.28
N ASP A 36 2.89 5.08 16.73
CA ASP A 36 3.80 4.64 17.79
C ASP A 36 4.98 3.86 17.23
N GLU A 37 5.93 3.58 18.11
CA GLU A 37 7.18 2.97 17.66
C GLU A 37 6.92 1.66 16.92
N SER A 38 5.82 0.97 17.21
CA SER A 38 5.49 -0.30 16.60
C SER A 38 4.83 -0.14 15.25
N GLY A 39 4.75 1.09 14.74
CA GLY A 39 4.13 1.28 13.44
C GLY A 39 2.62 1.29 13.43
N ASP A 40 1.96 1.38 14.59
CA ASP A 40 0.51 1.39 14.67
C ASP A 40 -0.02 2.81 14.83
N PHE A 41 -1.02 3.15 14.01
CA PHE A 41 -1.74 4.41 14.16
C PHE A 41 -2.86 4.26 15.18
N SER A 42 -3.10 5.31 15.95
CA SER A 42 -4.27 5.34 16.81
C SER A 42 -4.91 6.73 16.78
N LEU A 43 -6.22 6.77 17.02
CA LEU A 43 -6.93 8.04 17.02
C LEU A 43 -6.67 8.75 18.34
N VAL A 44 -6.20 9.97 18.25
CA VAL A 44 -5.94 10.77 19.43
C VAL A 44 -7.26 11.22 20.01
N GLU B 18 14.80 -7.36 -14.38
CA GLU B 18 14.55 -8.70 -14.88
C GLU B 18 13.11 -9.15 -14.60
N THR B 19 12.41 -8.43 -13.73
CA THR B 19 11.03 -8.72 -13.38
C THR B 19 10.16 -7.50 -13.64
N THR B 20 9.03 -7.73 -14.30
CA THR B 20 8.29 -6.65 -14.94
C THR B 20 7.72 -5.66 -13.93
N ASP B 21 7.69 -4.39 -14.33
CA ASP B 21 7.03 -3.38 -13.51
C ASP B 21 5.56 -3.72 -13.34
N GLY B 22 5.01 -3.34 -12.20
CA GLY B 22 3.58 -3.45 -12.01
C GLY B 22 3.22 -3.74 -10.57
N VAL B 23 1.98 -4.13 -10.39
CA VAL B 23 1.44 -4.48 -9.08
C VAL B 23 1.35 -5.99 -8.99
N TYR B 24 1.65 -6.52 -7.79
CA TYR B 24 1.87 -7.93 -7.55
C TYR B 24 1.16 -8.32 -6.28
N ARG B 25 0.62 -9.53 -6.27
CA ARG B 25 0.12 -10.15 -5.05
C ARG B 25 1.30 -10.77 -4.32
N VAL B 26 1.25 -10.73 -3.00
CA VAL B 26 2.19 -11.44 -2.14
C VAL B 26 1.42 -12.60 -1.53
N MET B 27 1.79 -13.81 -1.92
CA MET B 27 1.14 -15.05 -1.54
C MET B 27 2.01 -15.87 -0.60
N THR B 28 1.36 -16.70 0.22
CA THR B 28 2.06 -17.72 1.01
C THR B 28 1.28 -19.04 0.96
N ARG B 29 2.02 -20.14 0.91
CA ARG B 29 1.43 -21.47 1.04
C ARG B 29 1.64 -22.08 2.42
N ARG B 30 2.15 -21.30 3.38
CA ARG B 30 2.40 -21.81 4.72
C ARG B 30 1.13 -22.00 5.53
N LEU B 31 0.00 -21.45 5.08
CA LEU B 31 -1.25 -21.64 5.77
C LEU B 31 -2.15 -22.54 4.92
N LEU B 32 -3.45 -22.54 5.22
CA LEU B 32 -4.41 -23.33 4.45
C LEU B 32 -4.45 -22.83 3.01
N GLY B 33 -4.18 -23.73 2.06
CA GLY B 33 -4.25 -23.35 0.66
C GLY B 33 -3.21 -22.30 0.30
N SER B 34 -3.50 -21.56 -0.77
CA SER B 34 -2.70 -20.40 -1.16
C SER B 34 -3.41 -19.17 -0.63
N THR B 35 -2.69 -18.37 0.16
CA THR B 35 -3.26 -17.25 0.89
C THR B 35 -2.58 -15.95 0.48
N GLN B 36 -3.37 -14.93 0.17
CA GLN B 36 -2.80 -13.63 -0.14
C GLN B 36 -2.64 -12.84 1.15
N VAL B 37 -1.38 -12.64 1.54
CA VAL B 37 -1.11 -11.81 2.71
C VAL B 37 -0.88 -10.35 2.35
N GLY B 38 -0.68 -10.03 1.09
CA GLY B 38 -0.53 -8.64 0.74
C GLY B 38 -0.28 -8.39 -0.73
N VAL B 39 0.21 -7.18 -0.99
CA VAL B 39 0.34 -6.62 -2.33
C VAL B 39 1.59 -5.77 -2.37
N GLY B 40 2.17 -5.60 -3.56
CA GLY B 40 3.27 -4.68 -3.67
C GLY B 40 3.54 -4.18 -5.08
N VAL B 41 4.56 -3.34 -5.20
CA VAL B 41 4.86 -2.58 -6.41
C VAL B 41 6.29 -2.87 -6.85
N MET B 42 6.45 -3.27 -8.11
CA MET B 42 7.77 -3.48 -8.71
C MET B 42 8.02 -2.27 -9.61
N GLN B 43 9.05 -1.49 -9.30
CA GLN B 43 9.37 -0.31 -10.08
C GLN B 43 10.87 -0.13 -10.04
N GLU B 44 11.48 0.05 -11.21
CA GLU B 44 12.91 0.32 -11.29
C GLU B 44 13.74 -0.78 -10.61
N GLY B 45 13.31 -2.03 -10.76
CA GLY B 45 14.05 -3.17 -10.27
C GLY B 45 13.88 -3.47 -8.80
N VAL B 46 12.97 -2.79 -8.12
CA VAL B 46 12.82 -2.89 -6.68
C VAL B 46 11.38 -3.19 -6.36
N PHE B 47 11.17 -4.12 -5.43
CA PHE B 47 9.83 -4.50 -4.98
C PHE B 47 9.53 -3.79 -3.68
N HIS B 48 8.37 -3.15 -3.63
CA HIS B 48 7.97 -2.29 -2.52
C HIS B 48 6.70 -2.87 -1.90
N THR B 49 6.71 -3.07 -0.59
CA THR B 49 5.49 -3.51 0.08
C THR B 49 5.54 -2.99 1.51
N MET B 50 4.59 -3.40 2.32
CA MET B 50 4.53 -2.94 3.69
C MET B 50 5.19 -3.97 4.59
N TRP B 51 5.81 -3.48 5.67
CA TRP B 51 6.58 -4.37 6.53
C TRP B 51 5.70 -5.45 7.11
N HIS B 52 4.46 -5.09 7.52
CA HIS B 52 3.65 -6.10 8.21
C HIS B 52 3.18 -7.21 7.29
N VAL B 53 3.39 -7.06 5.98
CA VAL B 53 3.01 -8.09 5.05
C VAL B 53 4.02 -9.22 5.03
N THR B 54 5.31 -8.88 5.00
CA THR B 54 6.39 -9.86 4.85
C THR B 54 7.22 -10.03 6.11
N LYS B 55 7.14 -9.09 7.05
CA LYS B 55 8.01 -9.09 8.21
C LYS B 55 9.48 -9.13 7.80
N GLY B 56 9.78 -8.62 6.61
CA GLY B 56 11.14 -8.58 6.12
C GLY B 56 11.65 -9.88 5.52
N ALA B 57 10.77 -10.83 5.27
CA ALA B 57 11.17 -12.13 4.75
C ALA B 57 11.57 -12.06 3.27
N ALA B 58 12.49 -12.94 2.88
CA ALA B 58 12.77 -13.12 1.45
C ALA B 58 11.52 -13.56 0.67
N LEU B 59 11.45 -13.13 -0.58
CA LEU B 59 10.37 -13.48 -1.48
C LEU B 59 10.89 -14.24 -2.69
N ARG B 60 10.11 -15.15 -3.20
CA ARG B 60 10.47 -15.73 -4.48
C ARG B 60 9.60 -15.13 -5.57
N SER B 61 10.20 -15.00 -6.75
CA SER B 61 9.55 -14.51 -7.95
C SER B 61 9.78 -15.56 -9.04
N GLY B 62 8.84 -16.48 -9.18
CA GLY B 62 9.09 -17.60 -10.07
C GLY B 62 10.22 -18.43 -9.49
N GLU B 63 11.28 -18.59 -10.28
CA GLU B 63 12.42 -19.37 -9.82
C GLU B 63 13.41 -18.55 -9.00
N GLY B 64 13.36 -17.21 -9.11
CA GLY B 64 14.35 -16.37 -8.45
C GLY B 64 13.94 -15.91 -7.06
N ARG B 65 14.93 -15.39 -6.32
CA ARG B 65 14.77 -14.99 -4.93
C ARG B 65 14.94 -13.48 -4.80
N LEU B 66 14.04 -12.85 -4.07
CA LEU B 66 14.13 -11.43 -3.77
C LEU B 66 14.52 -11.24 -2.31
N ASP B 67 15.62 -10.54 -2.09
CA ASP B 67 16.13 -10.37 -0.74
C ASP B 67 15.81 -8.98 -0.21
N PRO B 68 15.38 -8.86 1.04
CA PRO B 68 15.11 -7.51 1.59
C PRO B 68 16.35 -6.64 1.52
N TYR B 69 16.12 -5.36 1.36
CA TYR B 69 17.21 -4.40 1.21
C TYR B 69 17.12 -3.27 2.21
N TRP B 70 15.90 -2.79 2.48
CA TRP B 70 15.66 -1.72 3.43
C TRP B 70 14.30 -1.96 4.05
N GLY B 71 14.18 -1.61 5.32
CA GLY B 71 12.88 -1.64 5.94
C GLY B 71 12.85 -0.84 7.22
N ASP B 72 11.63 -0.58 7.67
CA ASP B 72 11.43 0.23 8.87
C ASP B 72 10.06 -0.12 9.44
N VAL B 73 10.04 -0.61 10.67
CA VAL B 73 8.78 -1.05 11.26
C VAL B 73 7.87 0.14 11.52
N LYS B 74 8.43 1.29 11.89
CA LYS B 74 7.57 2.42 12.23
C LYS B 74 6.91 3.00 11.00
N GLN B 75 7.66 3.11 9.91
CA GLN B 75 7.00 3.51 8.67
C GLN B 75 6.12 2.40 8.11
N ASP B 76 6.38 1.15 8.51
CA ASP B 76 5.70 -0.05 8.04
C ASP B 76 5.94 -0.26 6.54
N LEU B 77 7.19 -0.11 6.12
CA LEU B 77 7.58 -0.30 4.74
C LEU B 77 8.83 -1.17 4.63
N VAL B 78 8.97 -1.84 3.49
CA VAL B 78 10.15 -2.65 3.16
C VAL B 78 10.32 -2.62 1.65
N SER B 79 11.57 -2.67 1.22
CA SER B 79 11.92 -2.78 -0.18
C SER B 79 12.87 -3.95 -0.37
N TYR B 80 12.81 -4.52 -1.57
CA TYR B 80 13.58 -5.69 -1.96
C TYR B 80 14.41 -5.37 -3.19
N CYS B 81 15.62 -5.92 -3.24
CA CYS B 81 16.54 -5.84 -4.37
C CYS B 81 17.23 -4.49 -4.47
N GLY B 82 16.82 -3.49 -3.70
CA GLY B 82 17.33 -2.17 -3.90
C GLY B 82 16.63 -1.20 -2.96
N PRO B 83 17.04 0.08 -3.00
CA PRO B 83 16.48 1.08 -2.10
C PRO B 83 15.08 1.50 -2.52
N TRP B 84 14.30 1.99 -1.55
CA TRP B 84 12.96 2.52 -1.86
C TRP B 84 13.01 3.52 -3.01
N LYS B 85 12.20 3.28 -4.06
CA LYS B 85 12.25 4.10 -5.27
C LYS B 85 11.08 5.06 -5.46
N LEU B 86 9.99 4.94 -4.70
CA LEU B 86 8.75 5.69 -4.95
C LEU B 86 8.79 7.02 -4.19
N ASP B 87 8.64 8.14 -4.89
CA ASP B 87 8.84 9.45 -4.25
C ASP B 87 7.76 10.47 -4.58
N ALA B 88 6.78 10.11 -5.41
CA ALA B 88 5.65 10.98 -5.64
C ALA B 88 4.82 11.12 -4.37
N ALA B 89 4.17 12.28 -4.22
CA ALA B 89 3.34 12.56 -3.07
C ALA B 89 2.00 13.15 -3.49
N TRP B 90 0.95 12.87 -2.69
CA TRP B 90 -0.34 13.53 -2.88
C TRP B 90 -0.14 15.03 -2.83
N ASP B 91 -0.84 15.76 -3.68
CA ASP B 91 -0.69 17.20 -3.78
C ASP B 91 -1.57 17.95 -2.78
N GLY B 92 -2.36 17.24 -1.98
CA GLY B 92 -3.20 17.86 -0.98
C GLY B 92 -4.50 18.42 -1.51
N LEU B 93 -4.80 18.18 -2.79
CA LEU B 93 -5.93 18.83 -3.43
C LEU B 93 -6.69 17.89 -4.36
N SER B 94 -5.99 17.00 -5.06
CA SER B 94 -6.58 16.21 -6.13
C SER B 94 -7.05 14.85 -5.64
N GLU B 95 -8.01 14.30 -6.38
CA GLU B 95 -8.39 12.91 -6.19
C GLU B 95 -7.26 11.98 -6.62
N VAL B 96 -7.26 10.79 -6.04
CA VAL B 96 -6.27 9.78 -6.30
C VAL B 96 -7.01 8.51 -6.66
N GLN B 97 -6.28 7.48 -7.07
CA GLN B 97 -6.86 6.16 -7.25
C GLN B 97 -6.11 5.15 -6.40
N LEU B 98 -6.86 4.41 -5.59
CA LEU B 98 -6.39 3.16 -5.02
C LEU B 98 -6.49 2.04 -6.05
N LEU B 99 -5.38 1.37 -6.33
CA LEU B 99 -5.37 0.20 -7.17
C LEU B 99 -5.49 -1.01 -6.24
N ALA B 100 -6.72 -1.32 -5.85
CA ALA B 100 -6.97 -2.36 -4.89
C ALA B 100 -6.81 -3.73 -5.53
N VAL B 101 -6.02 -4.59 -4.88
CA VAL B 101 -5.81 -5.95 -5.35
C VAL B 101 -6.29 -6.91 -4.25
N PRO B 102 -7.60 -7.17 -4.15
CA PRO B 102 -8.11 -7.96 -3.04
C PRO B 102 -7.85 -9.43 -3.24
N PRO B 103 -7.73 -10.21 -2.17
CA PRO B 103 -7.45 -11.65 -2.36
C PRO B 103 -8.47 -12.31 -3.27
N GLY B 104 -7.98 -13.04 -4.25
CA GLY B 104 -8.84 -13.78 -5.15
C GLY B 104 -9.65 -12.94 -6.10
N GLU B 105 -9.40 -11.65 -6.19
CA GLU B 105 -10.25 -10.76 -6.96
C GLU B 105 -9.37 -9.92 -7.87
N ARG B 106 -9.91 -9.59 -9.04
CA ARG B 106 -9.17 -8.85 -10.04
C ARG B 106 -8.84 -7.46 -9.52
N ALA B 107 -7.70 -6.92 -9.96
CA ALA B 107 -7.32 -5.56 -9.60
C ALA B 107 -8.35 -4.57 -10.08
N LYS B 108 -8.68 -3.60 -9.23
CA LYS B 108 -9.74 -2.63 -9.51
C LYS B 108 -9.29 -1.26 -9.03
N ASN B 109 -9.46 -0.22 -9.85
CA ASN B 109 -9.10 1.15 -9.44
C ASN B 109 -10.31 1.83 -8.83
N ILE B 110 -10.08 2.51 -7.73
CA ILE B 110 -11.10 3.21 -6.98
C ILE B 110 -10.62 4.64 -6.81
N GLN B 111 -11.40 5.59 -7.28
CA GLN B 111 -11.01 6.99 -7.22
C GLN B 111 -11.61 7.60 -5.98
N THR B 112 -10.88 8.48 -5.32
CA THR B 112 -11.37 9.05 -4.08
C THR B 112 -10.61 10.33 -3.81
N LEU B 113 -11.23 11.20 -3.03
CA LEU B 113 -10.51 12.36 -2.50
C LEU B 113 -9.96 12.03 -1.13
N PRO B 114 -8.63 12.01 -0.93
CA PRO B 114 -8.09 11.63 0.37
C PRO B 114 -8.50 12.59 1.48
N GLY B 115 -8.71 12.01 2.66
CA GLY B 115 -8.74 12.77 3.90
C GLY B 115 -7.33 12.99 4.40
N ILE B 116 -7.21 13.31 5.69
CA ILE B 116 -5.94 13.70 6.28
C ILE B 116 -5.76 13.07 7.65
N PHE B 117 -4.62 12.43 7.86
CA PHE B 117 -4.13 12.11 9.18
C PHE B 117 -3.29 13.30 9.68
N LYS B 118 -3.73 13.94 10.75
CA LYS B 118 -2.98 15.05 11.35
C LYS B 118 -2.17 14.48 12.51
N THR B 119 -0.85 14.60 12.44
CA THR B 119 0.01 14.06 13.50
C THR B 119 0.93 15.14 14.06
N LYS B 120 1.60 14.76 15.15
CA LYS B 120 2.51 15.70 15.80
C LYS B 120 3.63 16.10 14.85
N ASP B 121 4.00 15.19 13.96
CA ASP B 121 5.08 15.41 13.03
C ASP B 121 4.58 15.90 11.68
N GLY B 122 3.29 16.18 11.56
CA GLY B 122 2.76 16.74 10.34
C GLY B 122 1.67 15.87 9.75
N ASP B 123 1.17 16.33 8.60
CA ASP B 123 -0.03 15.76 7.99
C ASP B 123 0.32 14.85 6.82
N ILE B 124 -0.42 13.75 6.68
CA ILE B 124 -0.29 12.87 5.53
C ILE B 124 -1.68 12.57 5.02
N GLY B 125 -1.77 12.24 3.75
CA GLY B 125 -3.03 11.86 3.17
C GLY B 125 -3.53 10.54 3.72
N ALA B 126 -4.84 10.37 3.68
CA ALA B 126 -5.46 9.11 4.08
C ALA B 126 -6.62 8.82 3.13
N VAL B 127 -6.89 7.53 2.92
CA VAL B 127 -7.99 7.10 2.05
C VAL B 127 -8.95 6.24 2.86
N ALA B 128 -10.24 6.60 2.80
CA ALA B 128 -11.28 5.94 3.60
C ALA B 128 -12.00 4.89 2.76
N LEU B 129 -11.29 3.79 2.57
CA LEU B 129 -11.76 2.66 1.78
C LEU B 129 -11.38 1.40 2.52
N ASP B 130 -12.30 0.44 2.59
CA ASP B 130 -12.13 -0.74 3.44
C ASP B 130 -12.02 -1.99 2.57
N TYR B 131 -11.03 -2.83 2.85
CA TYR B 131 -10.76 -4.03 2.07
C TYR B 131 -10.19 -5.10 3.00
N PRO B 132 -10.20 -6.36 2.56
CA PRO B 132 -9.61 -7.44 3.38
C PRO B 132 -8.15 -7.17 3.70
N ALA B 133 -7.70 -7.76 4.81
CA ALA B 133 -6.34 -7.52 5.27
C ALA B 133 -5.30 -7.82 4.18
N GLY B 134 -5.49 -8.90 3.43
CA GLY B 134 -4.52 -9.24 2.40
C GLY B 134 -4.43 -8.25 1.26
N THR B 135 -5.23 -7.19 1.30
CA THR B 135 -5.12 -6.11 0.36
C THR B 135 -4.00 -5.15 0.73
N SER B 136 -3.46 -5.27 1.96
CA SER B 136 -2.31 -4.47 2.38
C SER B 136 -1.22 -4.41 1.32
N GLY B 137 -0.80 -3.20 1.01
CA GLY B 137 0.28 -2.96 0.05
C GLY B 137 -0.18 -2.45 -1.28
N SER B 138 -1.49 -2.42 -1.50
CA SER B 138 -1.97 -1.90 -2.77
C SER B 138 -1.56 -0.45 -2.97
N PRO B 139 -1.11 -0.09 -4.16
CA PRO B 139 -0.63 1.27 -4.39
C PRO B 139 -1.75 2.26 -4.62
N ILE B 140 -1.45 3.50 -4.23
CA ILE B 140 -2.28 4.67 -4.43
C ILE B 140 -1.56 5.56 -5.43
N LEU B 141 -2.29 6.03 -6.45
CA LEU B 141 -1.77 6.66 -7.64
C LEU B 141 -2.32 8.06 -7.78
N ASP B 142 -1.53 8.94 -8.37
CA ASP B 142 -2.00 10.24 -8.79
C ASP B 142 -2.43 10.15 -10.26
N LYS B 143 -2.95 11.25 -10.80
CA LYS B 143 -3.45 11.28 -12.17
C LYS B 143 -2.36 11.00 -13.20
N CYS B 144 -1.09 11.09 -12.84
CA CYS B 144 -0.03 10.74 -13.77
C CYS B 144 0.37 9.29 -13.69
N GLY B 145 -0.32 8.51 -12.86
CA GLY B 145 0.06 7.12 -12.68
C GLY B 145 1.20 6.88 -11.71
N ARG B 146 1.71 7.90 -11.04
CA ARG B 146 2.81 7.72 -10.08
C ARG B 146 2.27 7.18 -8.77
N VAL B 147 3.03 6.29 -8.14
CA VAL B 147 2.61 5.74 -6.86
C VAL B 147 2.96 6.76 -5.78
N ILE B 148 1.95 7.25 -5.07
CA ILE B 148 2.13 8.22 -4.02
C ILE B 148 2.11 7.60 -2.65
N GLY B 149 1.96 6.30 -2.57
CA GLY B 149 2.11 5.55 -1.33
C GLY B 149 1.32 4.27 -1.41
N LEU B 150 1.35 3.53 -0.30
CA LEU B 150 0.76 2.21 -0.19
C LEU B 150 -0.35 2.18 0.85
N TYR B 151 -1.31 1.29 0.58
CA TYR B 151 -2.50 1.18 1.39
C TYR B 151 -2.36 0.12 2.47
N GLY B 152 -2.91 0.39 3.65
CA GLY B 152 -3.10 -0.67 4.62
C GLY B 152 -2.59 -0.47 6.03
N ASN B 153 -1.95 0.64 6.33
CA ASN B 153 -1.66 0.95 7.71
C ASN B 153 -2.61 2.04 8.14
N GLY B 154 -3.59 1.70 8.98
CA GLY B 154 -4.59 2.69 9.32
C GLY B 154 -5.23 2.56 10.67
N VAL B 155 -6.44 3.11 10.75
CA VAL B 155 -7.21 3.15 11.99
C VAL B 155 -8.68 2.90 11.67
N VAL B 156 -9.43 2.66 12.72
CA VAL B 156 -10.88 2.58 12.66
C VAL B 156 -11.42 3.73 13.48
N ILE B 157 -12.33 4.52 12.88
CA ILE B 157 -12.83 5.74 13.48
C ILE B 157 -14.15 5.51 14.20
N LYS B 158 -14.77 6.58 14.71
CA LYS B 158 -15.87 6.46 15.65
C LYS B 158 -17.02 5.64 15.07
N ASN B 159 -17.41 5.90 13.83
CA ASN B 159 -18.55 5.18 13.25
C ASN B 159 -18.18 3.78 12.77
N GLY B 160 -17.02 3.26 13.14
CA GLY B 160 -16.63 1.91 12.77
C GLY B 160 -15.99 1.74 11.41
N SER B 161 -15.75 2.81 10.66
CA SER B 161 -15.19 2.67 9.32
C SER B 161 -13.67 2.74 9.34
N TYR B 162 -13.05 2.02 8.41
CA TYR B 162 -11.60 1.95 8.28
C TYR B 162 -11.06 3.05 7.38
N VAL B 163 -9.96 3.67 7.84
CA VAL B 163 -9.24 4.70 7.10
C VAL B 163 -7.76 4.35 7.13
N SER B 164 -7.13 4.35 5.95
CA SER B 164 -5.73 3.97 5.78
C SER B 164 -4.89 5.20 5.47
N ALA B 165 -3.72 5.32 6.12
CA ALA B 165 -2.75 6.29 5.67
C ALA B 165 -2.32 6.02 4.23
N ILE B 166 -2.02 7.08 3.51
CA ILE B 166 -1.23 7.00 2.29
C ILE B 166 0.23 6.92 2.72
N THR B 167 0.78 5.72 2.84
CA THR B 167 2.12 5.53 3.43
C THR B 167 3.17 5.54 2.32
N GLN B 168 4.03 6.55 2.33
CA GLN B 168 5.09 6.72 1.34
C GLN B 168 6.46 6.71 2.00
N GLY B 169 7.46 6.21 1.29
CA GLY B 169 8.79 6.12 1.81
C GLY B 169 9.67 7.29 1.37
N LYS B 170 10.95 7.21 1.73
CA LYS B 170 11.94 8.23 1.38
C LYS B 170 12.88 7.68 0.30
N ARG B 171 13.03 8.43 -0.79
CA ARG B 171 13.95 8.04 -1.85
C ARG B 171 15.26 8.81 -1.75
#